data_4LOT
#
_entry.id   4LOT
#
_cell.length_a   143.040
_cell.length_b   58.590
_cell.length_c   51.210
_cell.angle_alpha   90.000
_cell.angle_beta   91.120
_cell.angle_gamma   90.000
#
_symmetry.space_group_name_H-M   'C 1 2 1'
#
_entity_poly.entity_id   1
_entity_poly.type   'polypeptide(L)'
_entity_poly.pdbx_seq_one_letter_code
;CSGDVFTALIGEIASPNYPKPYPENSRCEYQIRLEKGFQVVVTLRREDFDVEAADSAGNCLDSLVFVAGDRQFGPYCGHG
FPGPLNIETKSNALDIIFQTDLTGQKKGWKLRYHGDPMPCPKEDTPNSVWEPAKAKYVFRDVVQITCLDGFEVVEGRVGA
TSFYSTCQSNGKWSNSKLKCQPVDCGIPESIENGKVEDPESTLFGSVIRYTCEEPYYYMENGGGGEYHCAGNGSWVNEVL
GPELPKCVP
;
_entity_poly.pdbx_strand_id   A
#
# COMPACT_ATOMS: atom_id res chain seq x y z
N CYS A 1 8.41 -14.22 -34.82
CA CYS A 1 8.67 -15.05 -33.66
C CYS A 1 7.41 -15.79 -33.23
N SER A 2 6.41 -15.02 -32.79
CA SER A 2 5.11 -15.57 -32.35
C SER A 2 5.23 -16.56 -31.19
N GLY A 3 5.70 -16.08 -30.04
CA GLY A 3 5.79 -16.91 -28.86
C GLY A 3 4.50 -16.92 -28.07
N ASP A 4 4.30 -17.96 -27.27
CA ASP A 4 3.11 -18.07 -26.43
C ASP A 4 3.24 -17.14 -25.22
N VAL A 5 2.20 -17.07 -24.40
CA VAL A 5 2.22 -16.24 -23.21
C VAL A 5 3.06 -16.92 -22.12
N PHE A 6 3.72 -16.13 -21.29
CA PHE A 6 4.57 -16.68 -20.24
C PHE A 6 4.00 -16.45 -18.84
N THR A 7 3.53 -17.54 -18.23
CA THR A 7 2.85 -17.51 -16.95
C THR A 7 3.82 -17.67 -15.78
N ALA A 8 4.83 -18.51 -15.99
CA ALA A 8 5.80 -18.86 -14.95
C ALA A 8 6.37 -17.63 -14.25
N LEU A 9 6.59 -17.76 -12.95
CA LEU A 9 7.10 -16.67 -12.13
C LEU A 9 8.50 -16.25 -12.56
N ILE A 10 9.31 -17.23 -12.93
CA ILE A 10 10.67 -16.97 -13.37
C ILE A 10 10.87 -17.56 -14.75
N GLY A 11 11.66 -16.88 -15.59
CA GLY A 11 11.93 -17.43 -16.90
C GLY A 11 13.09 -16.77 -17.62
N GLU A 12 13.27 -17.11 -18.89
CA GLU A 12 14.30 -16.49 -19.71
C GLU A 12 14.00 -16.68 -21.19
N ILE A 13 14.52 -15.78 -22.01
CA ILE A 13 14.34 -15.87 -23.45
C ILE A 13 15.38 -15.02 -24.19
N ALA A 14 15.63 -15.33 -25.46
CA ALA A 14 16.71 -14.69 -26.21
C ALA A 14 16.34 -14.33 -27.65
N SER A 15 17.29 -13.75 -28.38
CA SER A 15 17.08 -13.45 -29.79
C SER A 15 17.05 -14.78 -30.54
N PRO A 16 15.84 -15.22 -30.92
CA PRO A 16 15.49 -16.56 -31.41
C PRO A 16 16.55 -17.18 -32.31
N ASN A 17 16.73 -18.49 -32.17
CA ASN A 17 17.86 -19.22 -32.74
C ASN A 17 19.18 -18.91 -32.02
N TYR A 18 19.10 -18.10 -30.97
CA TYR A 18 20.26 -17.60 -30.22
C TYR A 18 21.28 -18.68 -29.89
N PRO A 19 22.58 -18.33 -29.93
CA PRO A 19 23.07 -17.03 -30.37
C PRO A 19 23.35 -16.92 -31.87
N LYS A 20 22.44 -17.42 -32.70
CA LYS A 20 22.47 -17.14 -34.14
C LYS A 20 22.03 -15.70 -34.32
N PRO A 21 22.43 -15.07 -35.45
CA PRO A 21 21.99 -13.70 -35.72
C PRO A 21 20.47 -13.58 -35.71
N TYR A 22 19.94 -12.46 -35.27
CA TYR A 22 18.51 -12.26 -35.24
C TYR A 22 17.96 -12.00 -36.64
N PRO A 23 17.04 -12.86 -37.10
CA PRO A 23 16.39 -12.77 -38.42
C PRO A 23 15.86 -11.37 -38.72
N GLU A 24 16.44 -10.75 -39.75
CA GLU A 24 16.08 -9.40 -40.15
C GLU A 24 14.64 -9.34 -40.64
N ASN A 25 14.08 -8.14 -40.66
CA ASN A 25 12.71 -7.92 -41.13
C ASN A 25 11.66 -8.87 -40.55
N SER A 26 11.59 -8.89 -39.23
CA SER A 26 10.54 -9.61 -38.50
C SER A 26 10.34 -8.92 -37.17
N ARG A 27 9.16 -9.10 -36.58
CA ARG A 27 8.87 -8.47 -35.31
C ARG A 27 8.64 -9.55 -34.27
N CYS A 28 9.20 -9.36 -33.09
CA CYS A 28 9.10 -10.35 -32.04
C CYS A 28 8.26 -9.85 -30.88
N GLU A 29 7.15 -10.55 -30.63
CA GLU A 29 6.22 -10.16 -29.59
C GLU A 29 6.18 -11.23 -28.51
N TYR A 30 6.55 -10.86 -27.30
CA TYR A 30 6.62 -11.81 -26.20
C TYR A 30 5.84 -11.31 -24.98
N GLN A 31 4.91 -12.12 -24.49
CA GLN A 31 4.02 -11.68 -23.42
C GLN A 31 4.25 -12.39 -22.09
N ILE A 32 4.69 -11.63 -21.09
CA ILE A 32 4.77 -12.17 -19.73
C ILE A 32 3.59 -11.65 -18.93
N ARG A 33 2.83 -12.56 -18.36
CA ARG A 33 1.73 -12.15 -17.49
C ARG A 33 1.91 -12.77 -16.11
N LEU A 34 2.41 -11.97 -15.16
CA LEU A 34 2.51 -12.42 -13.79
C LEU A 34 1.15 -12.30 -13.13
N GLU A 35 1.12 -12.52 -11.82
CA GLU A 35 -0.09 -12.28 -11.04
C GLU A 35 0.07 -10.96 -10.30
N LYS A 36 -0.96 -10.13 -10.36
CA LYS A 36 -0.89 -8.73 -9.91
C LYS A 36 -0.32 -8.55 -8.50
N GLY A 37 0.55 -7.55 -8.37
CA GLY A 37 1.27 -7.31 -7.13
C GLY A 37 2.73 -7.71 -7.30
N PHE A 38 3.01 -8.37 -8.42
CA PHE A 38 4.37 -8.83 -8.72
C PHE A 38 4.96 -8.07 -9.91
N GLN A 39 5.92 -7.19 -9.65
CA GLN A 39 6.61 -6.53 -10.75
C GLN A 39 7.49 -7.54 -11.45
N VAL A 40 7.74 -7.32 -12.73
CA VAL A 40 8.68 -8.12 -13.49
C VAL A 40 10.04 -7.44 -13.39
N VAL A 41 10.99 -8.08 -12.73
CA VAL A 41 12.36 -7.55 -12.72
C VAL A 41 13.17 -8.29 -13.77
N VAL A 42 13.84 -7.51 -14.64
CA VAL A 42 14.51 -8.06 -15.79
C VAL A 42 16.03 -7.95 -15.68
N THR A 43 16.68 -9.07 -15.97
CA THR A 43 18.12 -9.21 -15.85
C THR A 43 18.69 -9.49 -17.23
N LEU A 44 19.59 -8.62 -17.70
CA LEU A 44 20.24 -8.86 -18.98
C LEU A 44 21.77 -8.74 -18.93
N ARG A 45 22.42 -9.87 -19.19
CA ARG A 45 23.86 -9.93 -19.39
C ARG A 45 24.26 -8.98 -20.52
N ARG A 46 25.06 -7.96 -20.23
CA ARG A 46 25.46 -7.01 -21.27
C ARG A 46 26.25 -7.72 -22.36
N GLU A 47 26.97 -8.76 -21.99
CA GLU A 47 27.68 -9.57 -22.97
C GLU A 47 26.72 -10.46 -23.75
N ASP A 48 25.48 -10.54 -23.29
CA ASP A 48 24.43 -11.21 -24.04
C ASP A 48 23.58 -10.16 -24.73
N PHE A 49 24.17 -9.01 -25.07
CA PHE A 49 23.42 -7.97 -25.77
C PHE A 49 24.16 -7.43 -26.98
N ASP A 50 23.69 -7.82 -28.17
CA ASP A 50 24.31 -7.39 -29.41
C ASP A 50 23.25 -7.04 -30.44
N VAL A 51 23.17 -5.77 -30.80
CA VAL A 51 22.15 -5.29 -31.73
C VAL A 51 22.73 -4.25 -32.68
N GLU A 52 22.33 -4.30 -33.95
CA GLU A 52 22.76 -3.32 -34.94
C GLU A 52 22.53 -1.90 -34.46
N ALA A 53 23.62 -1.15 -34.35
CA ALA A 53 23.63 0.14 -33.66
C ALA A 53 22.87 1.25 -34.38
N ALA A 54 22.77 2.39 -33.72
CA ALA A 54 22.05 3.55 -34.25
C ALA A 54 22.93 4.37 -35.17
N ASP A 55 22.30 5.21 -35.99
CA ASP A 55 23.03 6.06 -36.92
C ASP A 55 23.62 7.27 -36.21
N SER A 56 24.04 8.26 -37.00
CA SER A 56 24.52 9.53 -36.46
C SER A 56 23.45 10.21 -35.62
N ALA A 57 22.20 10.11 -36.04
CA ALA A 57 21.09 10.73 -35.32
C ALA A 57 20.80 10.02 -34.01
N GLY A 58 21.45 8.88 -33.79
CA GLY A 58 21.20 8.09 -32.60
C GLY A 58 19.89 7.34 -32.72
N ASN A 59 19.30 7.38 -33.91
CA ASN A 59 18.07 6.65 -34.18
C ASN A 59 18.32 5.15 -34.29
N CYS A 60 17.73 4.40 -33.36
CA CYS A 60 17.86 2.95 -33.34
C CYS A 60 16.98 2.29 -34.39
N LEU A 61 17.62 1.61 -35.33
CA LEU A 61 16.92 0.91 -36.41
C LEU A 61 16.42 -0.45 -35.93
N ASP A 62 17.33 -1.37 -35.69
CA ASP A 62 16.99 -2.61 -35.00
C ASP A 62 16.64 -2.24 -33.56
N SER A 63 15.44 -2.61 -33.11
CA SER A 63 14.97 -2.13 -31.82
C SER A 63 14.41 -3.24 -30.94
N LEU A 64 14.78 -3.20 -29.67
CA LEU A 64 14.15 -4.03 -28.65
C LEU A 64 13.68 -3.12 -27.52
N VAL A 65 12.37 -3.10 -27.30
CA VAL A 65 11.78 -2.26 -26.27
C VAL A 65 10.77 -3.05 -25.44
N PHE A 66 10.49 -2.55 -24.23
CA PHE A 66 9.56 -3.21 -23.32
C PHE A 66 8.36 -2.33 -22.99
N VAL A 67 7.17 -2.93 -23.07
CA VAL A 67 5.92 -2.25 -22.75
C VAL A 67 5.40 -2.66 -21.37
N ALA A 68 5.45 -1.70 -20.45
CA ALA A 68 5.03 -1.90 -19.06
C ALA A 68 3.95 -0.91 -18.68
N GLY A 69 2.72 -1.18 -19.11
CA GLY A 69 1.63 -0.25 -18.87
C GLY A 69 1.91 1.10 -19.52
N ASP A 70 1.97 2.14 -18.70
CA ASP A 70 2.25 3.49 -19.18
C ASP A 70 3.76 3.72 -19.32
N ARG A 71 4.54 2.79 -18.80
CA ARG A 71 5.99 2.92 -18.82
C ARG A 71 6.62 2.25 -20.06
N GLN A 72 7.58 2.93 -20.67
CA GLN A 72 8.30 2.35 -21.81
C GLN A 72 9.77 2.15 -21.47
N PHE A 73 10.26 0.91 -21.60
CA PHE A 73 11.67 0.66 -21.31
C PHE A 73 12.50 0.39 -22.56
N GLY A 74 13.25 1.42 -22.93
CA GLY A 74 14.03 1.45 -24.14
C GLY A 74 14.25 2.91 -24.47
N PRO A 75 14.45 3.24 -25.75
CA PRO A 75 14.59 2.27 -26.83
C PRO A 75 16.02 1.75 -26.86
N TYR A 76 16.18 0.44 -26.93
CA TYR A 76 17.50 -0.14 -26.76
C TYR A 76 18.07 -0.72 -28.06
N CYS A 77 19.27 -0.29 -28.38
CA CYS A 77 20.01 -0.81 -29.53
C CYS A 77 21.52 -0.65 -29.28
N GLY A 78 22.31 -1.51 -29.92
CA GLY A 78 23.75 -1.37 -29.88
C GLY A 78 24.52 -2.62 -29.53
N HIS A 79 25.83 -2.45 -29.36
CA HIS A 79 26.70 -3.53 -28.92
C HIS A 79 27.19 -3.23 -27.51
N GLY A 80 26.78 -4.08 -26.57
CA GLY A 80 26.99 -3.83 -25.16
C GLY A 80 25.78 -3.09 -24.62
N PHE A 81 25.34 -3.44 -23.41
CA PHE A 81 24.10 -2.90 -22.88
C PHE A 81 24.25 -1.51 -22.29
N PRO A 82 23.34 -0.59 -22.68
CA PRO A 82 23.36 0.83 -22.32
C PRO A 82 22.86 1.11 -20.90
N GLY A 83 21.74 0.49 -20.52
CA GLY A 83 21.18 0.69 -19.20
C GLY A 83 21.77 -0.24 -18.16
N PRO A 84 21.13 -0.35 -16.99
CA PRO A 84 21.57 -1.28 -15.95
C PRO A 84 21.17 -2.71 -16.25
N LEU A 85 21.86 -3.66 -15.62
CA LEU A 85 21.54 -5.07 -15.76
C LEU A 85 20.19 -5.38 -15.11
N ASN A 86 19.86 -4.65 -14.06
CA ASN A 86 18.59 -4.86 -13.36
C ASN A 86 17.54 -3.80 -13.64
N ILE A 87 16.41 -4.23 -14.20
CA ILE A 87 15.32 -3.31 -14.53
C ILE A 87 14.03 -3.65 -13.80
N GLU A 88 13.54 -2.69 -13.00
CA GLU A 88 12.27 -2.88 -12.31
C GLU A 88 11.13 -2.26 -13.11
N THR A 89 10.36 -3.12 -13.76
CA THR A 89 9.23 -2.67 -14.59
C THR A 89 8.12 -2.05 -13.74
N LYS A 90 8.00 -2.52 -12.50
CA LYS A 90 6.91 -2.13 -11.62
C LYS A 90 5.56 -2.48 -12.24
N SER A 91 5.53 -3.61 -12.95
CA SER A 91 4.33 -4.08 -13.62
C SER A 91 4.21 -5.60 -13.53
N ASN A 92 2.98 -6.09 -13.42
CA ASN A 92 2.72 -7.53 -13.40
C ASN A 92 2.63 -8.12 -14.80
N ALA A 93 2.50 -7.25 -15.78
CA ALA A 93 2.38 -7.68 -17.18
C ALA A 93 3.37 -6.91 -18.04
N LEU A 94 4.03 -7.61 -18.95
CA LEU A 94 5.08 -7.01 -19.77
C LEU A 94 5.12 -7.56 -21.18
N ASP A 95 5.31 -6.67 -22.16
CA ASP A 95 5.47 -7.12 -23.54
C ASP A 95 6.84 -6.77 -24.11
N ILE A 96 7.47 -7.75 -24.74
CA ILE A 96 8.80 -7.62 -25.31
C ILE A 96 8.67 -7.49 -26.82
N ILE A 97 9.10 -6.36 -27.35
CA ILE A 97 9.04 -6.16 -28.79
C ILE A 97 10.44 -6.04 -29.39
N PHE A 98 10.74 -6.89 -30.35
CA PHE A 98 12.01 -6.81 -31.04
C PHE A 98 11.82 -6.51 -32.52
N GLN A 99 12.31 -5.34 -32.94
CA GLN A 99 12.13 -4.88 -34.30
C GLN A 99 13.40 -5.07 -35.13
N THR A 100 13.31 -5.88 -36.18
CA THR A 100 14.47 -6.17 -37.01
C THR A 100 14.43 -5.48 -38.36
N ASP A 101 15.59 -5.08 -38.86
CA ASP A 101 15.67 -4.45 -40.18
C ASP A 101 16.59 -5.17 -41.17
N LEU A 102 17.86 -4.78 -41.21
CA LEU A 102 18.76 -5.22 -42.26
C LEU A 102 20.09 -5.71 -41.71
N THR A 103 20.66 -6.69 -42.40
CA THR A 103 21.93 -7.30 -42.02
C THR A 103 21.93 -7.69 -40.55
N GLY A 104 21.01 -8.58 -40.19
CA GLY A 104 20.87 -9.05 -38.82
C GLY A 104 22.20 -9.36 -38.17
N GLN A 105 22.93 -10.30 -38.77
CA GLN A 105 24.35 -10.60 -38.50
C GLN A 105 24.99 -10.01 -37.23
N LYS A 106 24.20 -9.95 -36.16
CA LYS A 106 24.65 -9.59 -34.83
C LYS A 106 24.13 -10.71 -33.93
N LYS A 107 24.90 -11.09 -32.92
CA LYS A 107 24.55 -12.19 -32.01
C LYS A 107 23.10 -12.10 -31.54
N GLY A 108 22.77 -11.02 -30.83
CA GLY A 108 21.41 -10.82 -30.39
C GLY A 108 21.36 -10.44 -28.93
N TRP A 109 20.29 -10.87 -28.27
CA TRP A 109 20.07 -10.53 -26.87
C TRP A 109 19.65 -11.78 -26.12
N LYS A 110 19.90 -11.81 -24.81
CA LYS A 110 19.36 -12.87 -23.95
C LYS A 110 19.13 -12.37 -22.53
N LEU A 111 17.95 -12.64 -21.99
CA LEU A 111 17.61 -12.16 -20.64
C LEU A 111 16.83 -13.16 -19.80
N ARG A 112 16.71 -12.84 -18.51
CA ARG A 112 15.84 -13.60 -17.62
C ARG A 112 14.93 -12.64 -16.85
N TYR A 113 13.74 -13.12 -16.49
CA TYR A 113 12.86 -12.35 -15.62
C TYR A 113 12.61 -13.09 -14.32
N HIS A 114 12.59 -12.34 -13.22
CA HIS A 114 12.11 -12.87 -11.96
C HIS A 114 11.08 -11.91 -11.37
N GLY A 115 9.98 -12.47 -10.88
CA GLY A 115 8.91 -11.68 -10.29
C GLY A 115 9.26 -11.25 -8.89
N ASP A 116 8.95 -10.00 -8.55
CA ASP A 116 9.24 -9.45 -7.23
C ASP A 116 8.04 -8.69 -6.67
N PRO A 117 7.63 -9.03 -5.43
CA PRO A 117 6.46 -8.46 -4.76
C PRO A 117 6.50 -6.94 -4.62
N MET A 118 5.46 -6.25 -5.09
CA MET A 118 5.43 -4.80 -5.02
C MET A 118 5.27 -4.30 -3.59
N PRO A 119 6.25 -3.53 -3.11
CA PRO A 119 6.26 -2.99 -1.74
C PRO A 119 5.11 -2.03 -1.44
N CYS A 120 4.54 -2.18 -0.25
CA CYS A 120 3.60 -1.19 0.28
C CYS A 120 4.38 -0.32 1.24
N PRO A 121 4.68 0.92 0.85
CA PRO A 121 5.62 1.74 1.61
C PRO A 121 5.08 2.24 2.95
N LYS A 122 5.87 3.07 3.61
CA LYS A 122 5.61 3.49 4.98
C LYS A 122 4.61 4.64 5.09
N GLU A 123 3.60 4.45 5.93
CA GLU A 123 2.81 5.55 6.44
C GLU A 123 3.36 5.86 7.81
N ASP A 124 3.82 7.09 8.02
CA ASP A 124 4.39 7.46 9.33
C ASP A 124 3.32 7.38 10.41
N THR A 125 3.58 6.58 11.43
CA THR A 125 2.65 6.40 12.54
C THR A 125 2.46 7.70 13.30
N PRO A 126 1.24 8.27 13.23
CA PRO A 126 0.98 9.50 13.98
C PRO A 126 0.90 9.20 15.47
N ASN A 127 -0.17 8.52 15.88
CA ASN A 127 -0.32 8.01 17.23
C ASN A 127 -0.70 6.54 17.18
N SER A 128 0.29 5.69 16.95
CA SER A 128 0.08 4.26 16.74
C SER A 128 1.41 3.54 16.65
N VAL A 129 1.36 2.21 16.64
CA VAL A 129 2.54 1.38 16.42
C VAL A 129 2.14 0.16 15.59
N TRP A 130 2.92 -0.13 14.55
CA TRP A 130 2.63 -1.27 13.70
C TRP A 130 3.41 -2.48 14.19
N GLU A 131 2.79 -3.65 14.12
CA GLU A 131 3.50 -4.88 14.38
C GLU A 131 3.25 -5.87 13.25
N PRO A 132 4.33 -6.46 12.70
CA PRO A 132 5.73 -6.23 13.09
C PRO A 132 6.30 -4.95 12.50
N ALA A 133 7.13 -4.26 13.28
CA ALA A 133 7.79 -3.05 12.81
C ALA A 133 9.15 -3.35 12.18
N LYS A 134 9.16 -3.48 10.86
CA LYS A 134 10.38 -3.79 10.12
C LYS A 134 10.75 -2.71 9.10
N ALA A 135 11.80 -2.96 8.32
CA ALA A 135 12.36 -1.96 7.42
C ALA A 135 11.65 -1.85 6.08
N LYS A 136 11.25 -2.99 5.51
CA LYS A 136 10.53 -2.99 4.23
C LYS A 136 9.31 -3.89 4.26
N TYR A 137 8.14 -3.29 3.99
CA TYR A 137 6.92 -4.05 3.84
C TYR A 137 6.58 -4.22 2.38
N VAL A 138 6.20 -5.42 1.98
CA VAL A 138 5.83 -5.68 0.60
C VAL A 138 4.45 -6.31 0.47
N PHE A 139 4.04 -6.56 -0.76
CA PHE A 139 2.81 -7.26 -1.11
C PHE A 139 2.56 -8.48 -0.25
N ARG A 140 1.31 -8.66 0.18
CA ARG A 140 0.86 -9.79 1.00
C ARG A 140 1.25 -9.72 2.49
N ASP A 141 2.24 -8.89 2.83
CA ASP A 141 2.61 -8.72 4.23
C ASP A 141 1.40 -8.20 5.02
N VAL A 142 1.26 -8.66 6.26
CA VAL A 142 0.15 -8.27 7.12
C VAL A 142 0.66 -7.54 8.36
N VAL A 143 -0.08 -6.53 8.81
CA VAL A 143 0.34 -5.70 9.92
C VAL A 143 -0.83 -5.48 10.87
N GLN A 144 -0.56 -5.44 12.18
CA GLN A 144 -1.56 -4.96 13.12
C GLN A 144 -1.14 -3.60 13.66
N ILE A 145 -1.93 -2.58 13.34
CA ILE A 145 -1.69 -1.25 13.88
C ILE A 145 -2.52 -1.14 15.14
N THR A 146 -1.91 -0.65 16.22
CA THR A 146 -2.57 -0.58 17.51
C THR A 146 -2.61 0.85 18.02
N CYS A 147 -3.80 1.38 18.21
CA CYS A 147 -3.97 2.75 18.69
C CYS A 147 -3.49 2.89 20.13
N LEU A 148 -2.93 4.05 20.43
CA LEU A 148 -2.33 4.32 21.73
C LEU A 148 -3.39 4.40 22.83
N ASP A 149 -2.96 4.77 24.04
CA ASP A 149 -3.91 5.00 25.13
C ASP A 149 -4.50 6.40 25.00
N GLY A 150 -5.78 6.46 24.68
CA GLY A 150 -6.47 7.72 24.48
C GLY A 150 -6.92 7.87 23.04
N PHE A 151 -6.64 6.86 22.23
CA PHE A 151 -6.95 6.91 20.80
C PHE A 151 -7.72 5.67 20.34
N GLU A 152 -8.59 5.84 19.35
CA GLU A 152 -9.49 4.78 18.91
C GLU A 152 -9.68 4.81 17.39
N VAL A 153 -10.10 3.70 16.80
CA VAL A 153 -10.39 3.65 15.37
C VAL A 153 -11.85 4.00 15.08
N VAL A 154 -12.03 5.06 14.29
CA VAL A 154 -13.33 5.73 14.10
C VAL A 154 -14.52 4.83 13.77
N GLU A 155 -14.45 4.15 12.64
CA GLU A 155 -15.59 3.45 12.07
C GLU A 155 -16.00 2.19 12.82
N GLY A 156 -15.52 2.05 14.04
CA GLY A 156 -15.92 0.95 14.90
C GLY A 156 -16.67 1.43 16.13
N ALA A 160 -12.68 0.45 17.83
CA ALA A 160 -11.70 -0.26 18.66
C ALA A 160 -10.33 0.41 18.65
N THR A 161 -9.37 -0.24 19.27
CA THR A 161 -8.01 0.31 19.38
C THR A 161 -6.98 -0.41 18.50
N SER A 162 -7.40 -1.50 17.85
CA SER A 162 -6.49 -2.26 17.00
C SER A 162 -7.13 -2.69 15.68
N PHE A 163 -6.36 -2.61 14.60
CA PHE A 163 -6.82 -3.10 13.30
C PHE A 163 -5.72 -3.77 12.48
N TYR A 164 -6.13 -4.52 11.47
CA TYR A 164 -5.20 -5.37 10.73
C TYR A 164 -5.29 -5.08 9.24
N SER A 165 -4.15 -4.84 8.61
CA SER A 165 -4.14 -4.49 7.20
C SER A 165 -2.99 -5.17 6.43
N THR A 166 -3.30 -5.59 5.21
CA THR A 166 -2.30 -6.17 4.32
C THR A 166 -1.73 -5.08 3.43
N CYS A 167 -0.64 -5.40 2.76
CA CYS A 167 -0.21 -4.60 1.62
C CYS A 167 -0.92 -5.18 0.40
N GLN A 168 -1.39 -4.31 -0.49
CA GLN A 168 -2.21 -4.77 -1.61
C GLN A 168 -1.47 -4.80 -2.95
N SER A 169 -2.14 -5.36 -3.95
CA SER A 169 -1.59 -5.48 -5.30
C SER A 169 -1.34 -4.12 -5.93
N ASN A 170 -2.01 -3.10 -5.39
CA ASN A 170 -1.88 -1.74 -5.88
C ASN A 170 -0.80 -0.96 -5.12
N GLY A 171 -0.10 -1.62 -4.22
CA GLY A 171 0.97 -0.98 -3.48
C GLY A 171 0.45 -0.04 -2.41
N LYS A 172 -0.84 -0.13 -2.11
CA LYS A 172 -1.44 0.71 -1.07
C LYS A 172 -1.98 -0.16 0.07
N TRP A 173 -1.80 0.32 1.30
CA TRP A 173 -2.27 -0.40 2.47
C TRP A 173 -3.80 -0.41 2.54
N SER A 174 -4.37 -1.57 2.84
CA SER A 174 -5.80 -1.66 3.02
C SER A 174 -6.19 -0.82 4.22
N ASN A 175 -7.33 -0.13 4.13
CA ASN A 175 -7.80 0.73 5.21
C ASN A 175 -6.81 1.80 5.65
N SER A 176 -6.15 2.42 4.69
CA SER A 176 -5.32 3.60 4.96
C SER A 176 -6.22 4.68 5.51
N LYS A 177 -7.47 4.66 5.06
CA LYS A 177 -8.51 5.59 5.50
C LYS A 177 -8.61 5.66 7.01
N LEU A 178 -8.65 4.52 7.67
CA LEU A 178 -8.79 4.48 9.12
C LEU A 178 -7.53 5.02 9.77
N LYS A 179 -7.70 5.96 10.69
CA LYS A 179 -6.56 6.53 11.42
C LYS A 179 -6.88 6.64 12.90
N CYS A 180 -5.91 7.09 13.69
CA CYS A 180 -6.08 7.20 15.13
C CYS A 180 -6.49 8.58 15.59
N GLN A 181 -7.77 8.71 15.94
CA GLN A 181 -8.28 9.91 16.58
C GLN A 181 -8.25 9.68 18.08
N PRO A 182 -8.15 10.77 18.86
CA PRO A 182 -8.46 10.65 20.29
C PRO A 182 -9.88 10.12 20.49
N VAL A 183 -10.09 9.30 21.52
CA VAL A 183 -11.37 8.63 21.70
C VAL A 183 -12.52 9.58 22.08
N ASP A 184 -13.70 9.35 21.51
CA ASP A 184 -14.85 10.20 21.76
C ASP A 184 -15.97 9.41 22.41
N CYS A 185 -16.24 9.71 23.68
CA CYS A 185 -17.33 9.07 24.41
C CYS A 185 -18.67 9.59 23.87
N GLY A 186 -18.60 10.60 23.00
CA GLY A 186 -19.79 11.17 22.38
C GLY A 186 -20.34 12.33 23.16
N ILE A 187 -21.59 12.70 22.86
CA ILE A 187 -22.27 13.78 23.59
C ILE A 187 -22.88 13.17 24.85
N PRO A 188 -22.86 13.92 25.95
CA PRO A 188 -23.44 13.37 27.19
C PRO A 188 -24.92 13.06 27.02
N GLU A 189 -25.34 11.87 27.43
CA GLU A 189 -26.77 11.57 27.50
C GLU A 189 -27.38 12.41 28.61
N SER A 190 -28.66 12.73 28.47
CA SER A 190 -29.31 13.63 29.43
C SER A 190 -30.25 12.89 30.36
N ILE A 191 -30.42 13.44 31.56
CA ILE A 191 -31.28 12.81 32.56
C ILE A 191 -32.56 13.60 32.79
N GLU A 192 -33.66 12.88 32.98
CA GLU A 192 -34.94 13.50 33.30
C GLU A 192 -34.79 14.20 34.65
N ASN A 193 -35.36 15.40 34.77
CA ASN A 193 -35.26 16.21 35.98
C ASN A 193 -33.83 16.62 36.32
N GLY A 194 -32.93 16.55 35.35
CA GLY A 194 -31.54 16.91 35.58
C GLY A 194 -30.89 17.56 34.39
N LYS A 195 -29.96 18.48 34.65
CA LYS A 195 -29.27 19.19 33.58
C LYS A 195 -27.78 18.86 33.55
N VAL A 196 -27.28 18.50 32.38
CA VAL A 196 -25.85 18.33 32.18
C VAL A 196 -25.31 19.56 31.45
N GLU A 197 -24.38 20.27 32.09
CA GLU A 197 -23.81 21.48 31.48
C GLU A 197 -22.67 21.08 30.55
N ASP A 198 -22.90 21.21 29.25
CA ASP A 198 -21.96 20.74 28.23
C ASP A 198 -20.59 21.40 28.33
N PRO A 199 -19.54 20.61 28.03
CA PRO A 199 -18.15 21.04 28.17
C PRO A 199 -17.50 21.46 26.86
N GLU A 200 -16.21 21.75 26.90
CA GLU A 200 -15.45 22.16 25.73
C GLU A 200 -14.95 20.96 24.94
N SER A 201 -14.88 19.81 25.61
CA SER A 201 -14.34 18.61 24.99
C SER A 201 -15.13 17.37 25.37
N THR A 202 -15.59 16.62 24.37
CA THR A 202 -16.23 15.33 24.58
C THR A 202 -15.18 14.23 24.48
N LEU A 203 -13.91 14.66 24.46
CA LEU A 203 -12.78 13.76 24.26
C LEU A 203 -12.24 13.19 25.57
N PHE A 204 -11.12 12.48 25.47
CA PHE A 204 -10.46 11.85 26.60
C PHE A 204 -10.05 12.87 27.64
N GLY A 205 -10.02 12.46 28.90
CA GLY A 205 -9.53 13.31 29.99
C GLY A 205 -10.51 14.37 30.46
N SER A 206 -11.58 14.59 29.71
CA SER A 206 -12.54 15.64 30.03
C SER A 206 -13.44 15.26 31.19
N VAL A 207 -13.91 16.26 31.93
CA VAL A 207 -14.81 16.03 33.05
C VAL A 207 -16.11 16.83 32.93
N ILE A 208 -17.22 16.20 33.26
CA ILE A 208 -18.52 16.87 33.30
C ILE A 208 -19.15 16.63 34.67
N ARG A 209 -20.09 17.49 35.06
CA ARG A 209 -20.90 17.18 36.23
C ARG A 209 -22.39 17.40 35.98
N TYR A 210 -23.17 16.40 36.33
CA TYR A 210 -24.62 16.50 36.27
C TYR A 210 -25.12 17.35 37.43
N THR A 211 -26.30 17.94 37.27
CA THR A 211 -26.98 18.64 38.35
C THR A 211 -28.48 18.32 38.28
N CYS A 212 -29.22 18.62 39.33
CA CYS A 212 -30.64 18.29 39.38
C CYS A 212 -31.53 19.53 39.43
N GLU A 213 -32.80 19.36 39.12
CA GLU A 213 -33.76 20.46 39.22
C GLU A 213 -34.02 20.78 40.70
N GLU A 214 -33.33 21.80 41.19
CA GLU A 214 -33.38 22.18 42.59
C GLU A 214 -34.40 23.28 42.85
N PRO A 215 -35.12 23.19 43.99
CA PRO A 215 -34.99 22.07 44.93
C PRO A 215 -36.06 21.01 44.75
N TYR A 216 -36.53 20.79 43.53
CA TYR A 216 -37.58 19.81 43.28
C TYR A 216 -37.10 18.37 43.21
N TYR A 217 -35.93 18.15 42.62
CA TYR A 217 -35.35 16.82 42.54
C TYR A 217 -33.93 16.83 43.06
N TYR A 218 -33.51 15.74 43.68
CA TYR A 218 -32.19 15.69 44.30
C TYR A 218 -31.34 14.46 43.97
N MET A 219 -30.18 14.40 44.64
CA MET A 219 -29.10 13.50 44.27
C MET A 219 -29.42 12.00 44.22
N GLU A 220 -29.48 11.37 45.39
CA GLU A 220 -29.47 9.91 45.51
C GLU A 220 -28.17 9.38 44.90
N ASN A 221 -27.08 10.14 45.05
CA ASN A 221 -25.81 9.78 44.44
C ASN A 221 -24.83 9.04 45.37
N GLY A 222 -24.44 9.68 46.46
CA GLY A 222 -23.40 9.15 47.32
C GLY A 222 -22.08 9.83 47.04
N GLY A 223 -22.16 10.95 46.33
CA GLY A 223 -20.97 11.68 45.90
C GLY A 223 -20.84 11.67 44.39
N GLY A 224 -21.87 11.15 43.73
CA GLY A 224 -21.87 11.07 42.27
C GLY A 224 -22.18 12.40 41.60
N GLY A 225 -22.43 12.34 40.30
CA GLY A 225 -22.68 13.53 39.50
C GLY A 225 -21.55 13.79 38.53
N GLU A 226 -20.33 13.84 39.04
CA GLU A 226 -19.16 14.15 38.23
C GLU A 226 -18.69 12.93 37.44
N TYR A 227 -18.60 13.09 36.12
CA TYR A 227 -18.21 12.00 35.22
C TYR A 227 -17.01 12.42 34.37
N HIS A 228 -16.31 11.43 33.81
CA HIS A 228 -15.17 11.70 32.96
C HIS A 228 -15.15 10.73 31.78
N CYS A 229 -14.55 11.17 30.67
CA CYS A 229 -14.45 10.32 29.49
C CYS A 229 -13.27 9.37 29.63
N ALA A 230 -13.55 8.07 29.60
CA ALA A 230 -12.50 7.05 29.69
C ALA A 230 -12.27 6.37 28.36
N GLY A 231 -11.25 5.52 28.31
CA GLY A 231 -10.88 4.81 27.09
C GLY A 231 -11.94 3.83 26.61
N ASN A 232 -12.92 3.55 27.47
CA ASN A 232 -14.04 2.70 27.11
C ASN A 232 -14.93 3.35 26.05
N GLY A 233 -14.74 4.65 25.83
CA GLY A 233 -15.59 5.39 24.93
C GLY A 233 -16.91 5.68 25.64
N SER A 234 -16.82 5.88 26.94
CA SER A 234 -18.00 6.13 27.77
C SER A 234 -17.67 7.03 28.96
N TRP A 235 -18.62 7.90 29.33
CA TRP A 235 -18.49 8.70 30.53
C TRP A 235 -18.78 7.84 31.75
N VAL A 236 -17.92 7.90 32.75
CA VAL A 236 -18.05 7.06 33.93
C VAL A 236 -17.86 7.80 35.26
N ASN A 237 -18.50 7.28 36.30
CA ASN A 237 -18.34 7.80 37.66
C ASN A 237 -17.61 6.77 38.50
N GLU A 238 -16.80 7.21 39.44
CA GLU A 238 -16.01 6.30 40.27
C GLU A 238 -16.89 5.32 41.05
N VAL A 239 -18.11 5.75 41.39
CA VAL A 239 -19.06 4.93 42.12
C VAL A 239 -20.06 4.28 41.18
N LEU A 240 -20.87 5.12 40.52
CA LEU A 240 -21.95 4.64 39.67
C LEU A 240 -21.44 4.02 38.37
N GLY A 241 -20.28 4.49 37.89
CA GLY A 241 -19.70 3.94 36.69
C GLY A 241 -20.35 4.43 35.41
N PRO A 242 -20.66 3.49 34.50
CA PRO A 242 -21.19 3.78 33.17
C PRO A 242 -22.62 4.27 33.25
N GLU A 243 -23.27 4.02 34.38
CA GLU A 243 -24.67 4.38 34.52
C GLU A 243 -24.90 5.73 35.17
N LEU A 244 -26.01 6.35 34.79
CA LEU A 244 -26.29 7.74 35.10
C LEU A 244 -27.11 7.86 36.39
N PRO A 245 -27.01 9.02 37.08
CA PRO A 245 -27.72 9.20 38.35
C PRO A 245 -29.22 9.13 38.15
N LYS A 246 -29.96 9.01 39.26
CA LYS A 246 -31.40 9.16 39.21
C LYS A 246 -31.78 10.34 40.09
N CYS A 247 -32.56 11.28 39.54
CA CYS A 247 -32.98 12.45 40.32
C CYS A 247 -34.33 12.22 41.00
N VAL A 248 -34.40 12.50 42.30
CA VAL A 248 -35.58 12.18 43.10
C VAL A 248 -36.08 13.38 43.93
N PRO A 249 -37.41 13.47 44.12
CA PRO A 249 -38.08 14.45 44.98
C PRO A 249 -37.34 14.72 46.29
#